data_1U8I
#
_entry.id   1U8I
#
_cell.length_a   58.200
_cell.length_b   64.900
_cell.length_c   175.200
_cell.angle_alpha   90.00
_cell.angle_beta   90.00
_cell.angle_gamma   90.00
#
_symmetry.space_group_name_H-M   'P 21 21 21'
#
loop_
_entity.id
_entity.type
_entity.pdbx_description
1 polymer 'ANTIBODY 2F5 (LIGHT CHAIN)'
2 polymer 'ANTIBODY 2F5 (HEAVY CHAIN)'
3 polymer 'GP41 PEPTIDE'
4 water water
#
loop_
_entity_poly.entity_id
_entity_poly.type
_entity_poly.pdbx_seq_one_letter_code
_entity_poly.pdbx_strand_id
1 'polypeptide(L)'
;ALQLTQSPSSLSASVGDRITITCRASQGVTSALAWYRQKPGSPPQLLIYDASSLESGVPSRFSGSGSGTEFTLTISTLRP
EDFATYYCQQLHFYPHTFGGGTRVDVRRTVAAPSVFIFPPSDEQLKSGTASVVCLLNNFYPREAKVQWKVDNALQSGNSQ
ESVTEQDSKDSTYSLSSTLTLSKADYEKHKVYECEVTHQGLSSPVTKSFNRGEC
;
A
2 'polypeptide(L)'
;RITLKESGPPLVKPTQTLTLTCSFSGFSLSDFGVGVGWIRQPPGKALEWLAIIYSDDDKRYSPSLNTRLTITKDTSKNQV
VLVMTRVSPVDTATYFCAHRRGPTTLFGVPIARGPVNAMDVWGQGITVTISSTSTKGPSVFPLAPSSKSTAGAAAALGCL
VKDYFPEPVTVSWNSGALTSGVHTFPAVLQSSGLYSLSSVVTVPSSSLGTQTYTCNVNHKPSNTKVDKRVEPKSC
;
B
3 'polypeptide(L)' ELDKWAN C
#
# COMPACT_ATOMS: atom_id res chain seq x y z
N ALA A 1 18.71 -14.41 -0.14
CA ALA A 1 17.80 -15.61 -0.17
C ALA A 1 17.07 -15.83 -1.50
N LEU A 2 16.15 -16.80 -1.44
CA LEU A 2 15.31 -17.21 -2.55
C LEU A 2 14.49 -16.04 -3.06
N GLN A 3 14.43 -15.90 -4.38
CA GLN A 3 13.72 -14.80 -4.99
C GLN A 3 12.47 -15.33 -5.71
N LEU A 4 11.34 -14.63 -5.56
CA LEU A 4 10.08 -14.96 -6.24
C LEU A 4 9.70 -13.75 -7.05
N THR A 5 9.72 -13.87 -8.36
CA THR A 5 9.40 -12.75 -9.23
C THR A 5 8.05 -12.92 -9.90
N GLN A 6 7.09 -12.01 -9.70
CA GLN A 6 5.78 -12.15 -10.37
C GLN A 6 5.75 -11.41 -11.67
N SER A 7 4.99 -11.88 -12.66
CA SER A 7 4.86 -11.13 -13.91
C SER A 7 3.42 -11.27 -14.36
N PRO A 8 2.81 -10.17 -14.86
CA PRO A 8 3.47 -8.86 -14.95
C PRO A 8 3.25 -8.25 -13.60
N SER A 9 3.92 -7.14 -13.31
CA SER A 9 3.69 -6.50 -12.03
C SER A 9 2.28 -5.86 -12.03
N SER A 10 1.82 -5.41 -13.19
CA SER A 10 0.51 -4.76 -13.30
C SER A 10 -0.14 -5.29 -14.58
N LEU A 11 -1.47 -5.34 -14.62
CA LEU A 11 -2.12 -5.93 -15.77
C LEU A 11 -3.48 -5.33 -15.90
N SER A 12 -3.87 -4.94 -17.12
CA SER A 12 -5.24 -4.38 -17.28
C SER A 12 -6.14 -5.41 -17.96
N ALA A 13 -7.42 -5.41 -17.62
CA ALA A 13 -8.30 -6.40 -18.19
C ALA A 13 -9.75 -5.99 -18.05
N SER A 14 -10.65 -6.73 -18.68
CA SER A 14 -12.06 -6.40 -18.56
C SER A 14 -12.81 -7.62 -18.08
N VAL A 15 -13.99 -7.41 -17.53
CA VAL A 15 -14.84 -8.47 -17.06
C VAL A 15 -15.03 -9.47 -18.22
N GLY A 16 -14.87 -10.75 -17.92
CA GLY A 16 -14.97 -11.77 -18.95
C GLY A 16 -13.62 -12.15 -19.50
N ASP A 17 -12.57 -11.38 -19.28
CA ASP A 17 -11.31 -11.86 -19.86
C ASP A 17 -10.69 -13.07 -19.12
N ARG A 18 -9.71 -13.68 -19.76
CA ARG A 18 -8.97 -14.76 -19.21
C ARG A 18 -7.63 -14.16 -18.93
N ILE A 19 -7.14 -14.22 -17.70
CA ILE A 19 -5.82 -13.68 -17.45
C ILE A 19 -4.95 -14.71 -16.81
N THR A 20 -3.64 -14.55 -16.94
CA THR A 20 -2.81 -15.52 -16.31
C THR A 20 -1.67 -14.70 -15.77
N ILE A 21 -1.31 -15.00 -14.51
CA ILE A 21 -0.26 -14.32 -13.77
C ILE A 21 0.80 -15.38 -13.57
N THR A 22 2.06 -15.04 -13.68
CA THR A 22 3.05 -16.06 -13.47
C THR A 22 4.05 -15.71 -12.35
N CYS A 23 4.65 -16.72 -11.72
CA CYS A 23 5.56 -16.48 -10.61
C CYS A 23 6.74 -17.43 -10.79
N ARG A 24 7.94 -16.89 -10.78
CA ARG A 24 9.15 -17.69 -11.01
C ARG A 24 10.05 -17.61 -9.80
N ALA A 25 10.58 -18.77 -9.39
CA ALA A 25 11.45 -18.81 -8.23
C ALA A 25 12.90 -18.97 -8.63
N SER A 26 13.81 -18.38 -7.85
CA SER A 26 15.25 -18.47 -8.17
C SER A 26 15.86 -19.85 -8.00
N GLN A 27 15.24 -20.70 -7.16
CA GLN A 27 15.66 -22.10 -6.91
C GLN A 27 14.33 -22.86 -6.86
N GLY A 28 14.36 -24.15 -7.12
CA GLY A 28 13.11 -24.93 -7.12
C GLY A 28 12.45 -25.02 -5.76
N VAL A 29 11.13 -24.84 -5.73
CA VAL A 29 10.35 -24.89 -4.50
C VAL A 29 9.36 -26.06 -4.55
N THR A 30 9.63 -27.05 -5.40
CA THR A 30 8.75 -28.21 -5.57
C THR A 30 7.35 -27.72 -5.81
N SER A 31 6.33 -28.24 -5.11
CA SER A 31 4.96 -27.77 -5.32
C SER A 31 4.48 -26.86 -4.17
N ALA A 32 5.42 -26.44 -3.30
CA ALA A 32 5.04 -25.65 -2.12
C ALA A 32 4.84 -24.17 -2.46
N LEU A 33 3.73 -23.87 -3.11
CA LEU A 33 3.46 -22.54 -3.55
C LEU A 33 2.01 -22.24 -3.44
N ALA A 34 1.69 -21.05 -2.98
CA ALA A 34 0.28 -20.71 -2.81
C ALA A 34 -0.04 -19.40 -3.52
N TRP A 35 -1.29 -19.26 -3.99
CA TRP A 35 -1.72 -18.00 -4.61
C TRP A 35 -2.80 -17.36 -3.77
N TYR A 36 -2.76 -16.04 -3.69
CA TYR A 36 -3.77 -15.27 -2.93
C TYR A 36 -4.26 -14.09 -3.73
N ARG A 37 -5.48 -13.67 -3.40
CA ARG A 37 -6.07 -12.51 -4.03
C ARG A 37 -6.31 -11.55 -2.85
N GLN A 38 -5.95 -10.29 -3.02
CA GLN A 38 -6.19 -9.34 -1.92
C GLN A 38 -6.89 -8.13 -2.49
N LYS A 39 -8.06 -7.86 -1.97
CA LYS A 39 -8.84 -6.72 -2.39
C LYS A 39 -8.45 -5.56 -1.51
N PRO A 40 -8.56 -4.33 -2.03
CA PRO A 40 -8.21 -3.18 -1.20
C PRO A 40 -8.89 -3.22 0.18
N GLY A 41 -8.14 -2.83 1.20
CA GLY A 41 -8.67 -2.81 2.56
C GLY A 41 -8.92 -4.16 3.25
N SER A 42 -8.66 -5.27 2.57
CA SER A 42 -8.90 -6.58 3.16
C SER A 42 -7.63 -7.42 3.23
N PRO A 43 -7.67 -8.51 4.02
CA PRO A 43 -6.49 -9.38 4.12
C PRO A 43 -6.38 -10.25 2.85
N PRO A 44 -5.23 -10.82 2.60
CA PRO A 44 -5.13 -11.67 1.41
C PRO A 44 -6.07 -12.89 1.59
N GLN A 45 -6.61 -13.45 0.50
CA GLN A 45 -7.46 -14.62 0.64
C GLN A 45 -6.83 -15.74 -0.20
N LEU A 46 -6.72 -16.91 0.42
CA LEU A 46 -6.13 -18.10 -0.23
C LEU A 46 -7.00 -18.56 -1.42
N LEU A 47 -6.40 -18.74 -2.58
CA LEU A 47 -7.12 -19.24 -3.76
C LEU A 47 -6.68 -20.66 -4.06
N ILE A 48 -5.36 -20.86 -4.16
CA ILE A 48 -4.73 -22.12 -4.57
C ILE A 48 -3.60 -22.45 -3.62
N TYR A 49 -3.58 -23.68 -3.12
CA TYR A 49 -2.50 -24.16 -2.24
C TYR A 49 -1.78 -25.32 -2.90
N ASP A 50 -0.53 -25.54 -2.52
CA ASP A 50 0.23 -26.66 -3.07
C ASP A 50 0.25 -26.59 -4.60
N ALA A 51 0.54 -25.38 -5.14
CA ALA A 51 0.63 -25.09 -6.62
C ALA A 51 -0.61 -25.27 -7.47
N SER A 52 -1.42 -26.28 -7.19
CA SER A 52 -2.57 -26.45 -8.04
C SER A 52 -3.86 -26.84 -7.37
N SER A 53 -3.87 -27.08 -6.04
CA SER A 53 -5.14 -27.52 -5.40
C SER A 53 -6.08 -26.33 -5.18
N LEU A 54 -7.37 -26.51 -5.51
CA LEU A 54 -8.30 -25.43 -5.36
C LEU A 54 -8.74 -25.37 -3.92
N GLU A 55 -8.58 -24.22 -3.29
CA GLU A 55 -8.98 -24.09 -1.89
C GLU A 55 -10.49 -24.16 -1.80
N SER A 56 -10.96 -24.80 -0.73
CA SER A 56 -12.38 -24.98 -0.51
C SER A 56 -13.18 -23.67 -0.44
N GLY A 57 -14.22 -23.58 -1.26
CA GLY A 57 -15.04 -22.39 -1.24
C GLY A 57 -14.56 -21.36 -2.23
N VAL A 58 -13.45 -21.66 -2.92
CA VAL A 58 -12.93 -20.73 -3.91
C VAL A 58 -13.56 -21.08 -5.28
N PRO A 59 -14.05 -20.08 -5.99
CA PRO A 59 -14.68 -20.35 -7.30
C PRO A 59 -13.80 -21.03 -8.33
N SER A 60 -14.44 -21.92 -9.10
CA SER A 60 -13.71 -22.73 -10.07
C SER A 60 -13.05 -21.98 -11.20
N ARG A 61 -13.38 -20.72 -11.45
CA ARG A 61 -12.66 -20.00 -12.51
C ARG A 61 -11.18 -19.82 -12.18
N PHE A 62 -10.80 -20.08 -10.93
CA PHE A 62 -9.39 -19.91 -10.56
C PHE A 62 -8.67 -21.21 -10.73
N SER A 63 -7.50 -21.14 -11.33
CA SER A 63 -6.76 -22.34 -11.55
C SER A 63 -5.26 -22.11 -11.38
N GLY A 64 -4.57 -23.09 -10.78
CA GLY A 64 -3.14 -22.93 -10.67
C GLY A 64 -2.39 -24.16 -11.20
N SER A 65 -1.28 -23.94 -11.90
CA SER A 65 -0.45 -25.02 -12.40
C SER A 65 1.05 -24.70 -12.27
N GLY A 66 1.89 -25.70 -12.55
CA GLY A 66 3.33 -25.55 -12.46
C GLY A 66 3.93 -26.17 -11.19
N SER A 67 5.26 -26.33 -11.20
CA SER A 67 6.04 -26.88 -10.06
C SER A 67 7.52 -26.51 -10.30
N GLY A 68 8.40 -26.66 -9.29
CA GLY A 68 9.80 -26.30 -9.53
C GLY A 68 10.08 -24.81 -9.44
N THR A 69 10.28 -24.15 -10.59
CA THR A 69 10.58 -22.74 -10.60
C THR A 69 9.59 -21.87 -11.34
N GLU A 70 8.58 -22.47 -11.95
CA GLU A 70 7.64 -21.65 -12.70
C GLU A 70 6.19 -22.01 -12.44
N PHE A 71 5.39 -21.04 -12.01
CA PHE A 71 4.01 -21.27 -11.67
C PHE A 71 3.13 -20.22 -12.32
N THR A 72 1.89 -20.58 -12.55
CA THR A 72 0.91 -19.71 -13.15
C THR A 72 -0.45 -19.86 -12.49
N LEU A 73 -1.14 -18.74 -12.40
CA LEU A 73 -2.50 -18.65 -11.85
C LEU A 73 -3.31 -18.17 -13.05
N THR A 74 -4.41 -18.81 -13.37
CA THR A 74 -5.17 -18.23 -14.42
C THR A 74 -6.56 -18.10 -13.92
N ILE A 75 -7.21 -17.00 -14.28
CA ILE A 75 -8.58 -16.79 -13.90
C ILE A 75 -9.19 -16.90 -15.29
N SER A 76 -10.11 -17.85 -15.47
CA SER A 76 -10.62 -18.08 -16.81
C SER A 76 -11.63 -17.03 -17.30
N THR A 77 -12.53 -16.59 -16.41
CA THR A 77 -13.52 -15.57 -16.76
C THR A 77 -13.52 -14.51 -15.65
N LEU A 78 -12.73 -13.44 -15.81
CA LEU A 78 -12.63 -12.37 -14.80
C LEU A 78 -13.96 -11.78 -14.37
N ARG A 79 -14.21 -11.74 -13.07
CA ARG A 79 -15.43 -11.16 -12.52
C ARG A 79 -15.04 -9.81 -11.85
N PRO A 80 -16.01 -8.89 -11.59
CA PRO A 80 -15.65 -7.60 -10.98
C PRO A 80 -14.85 -7.68 -9.67
N GLU A 81 -15.13 -8.67 -8.83
CA GLU A 81 -14.39 -8.83 -7.60
C GLU A 81 -12.93 -9.24 -7.81
N ASP A 82 -12.52 -9.55 -9.04
CA ASP A 82 -11.17 -9.97 -9.31
C ASP A 82 -10.19 -8.85 -9.61
N PHE A 83 -10.72 -7.62 -9.64
CA PHE A 83 -9.88 -6.47 -9.89
C PHE A 83 -9.25 -6.33 -8.53
N ALA A 84 -7.97 -6.63 -8.46
CA ALA A 84 -7.35 -6.68 -7.16
C ALA A 84 -5.90 -6.94 -7.38
N THR A 85 -5.18 -7.20 -6.29
CA THR A 85 -3.75 -7.52 -6.37
C THR A 85 -3.56 -9.00 -5.96
N TYR A 86 -2.79 -9.73 -6.75
CA TYR A 86 -2.55 -11.14 -6.51
C TYR A 86 -1.13 -11.37 -6.04
N TYR A 87 -0.95 -12.30 -5.11
CA TYR A 87 0.39 -12.63 -4.66
C TYR A 87 0.69 -14.11 -4.68
N CYS A 88 1.92 -14.51 -4.97
CA CYS A 88 2.25 -15.94 -4.84
C CYS A 88 3.16 -16.01 -3.59
N GLN A 89 3.21 -17.16 -2.93
CA GLN A 89 4.04 -17.41 -1.74
C GLN A 89 4.67 -18.80 -1.81
N GLN A 90 5.94 -18.84 -1.53
CA GLN A 90 6.73 -20.04 -1.56
C GLN A 90 6.79 -20.53 -0.09
N LEU A 91 6.63 -21.84 0.17
CA LEU A 91 6.72 -22.42 1.51
C LEU A 91 7.67 -23.64 1.63
N HIS A 92 8.60 -23.73 0.70
CA HIS A 92 9.58 -24.82 0.68
C HIS A 92 10.83 -24.51 1.51
N PHE A 93 11.24 -23.22 1.48
CA PHE A 93 12.43 -22.74 2.19
C PHE A 93 12.08 -21.59 3.12
N TYR A 94 12.76 -21.49 4.26
CA TYR A 94 12.56 -20.38 5.18
C TYR A 94 13.58 -19.34 4.71
N PRO A 95 13.19 -18.08 4.69
CA PRO A 95 11.85 -17.59 5.05
C PRO A 95 10.88 -17.88 3.90
N HIS A 96 9.60 -18.03 4.26
CA HIS A 96 8.49 -18.29 3.35
C HIS A 96 8.08 -17.10 2.48
N THR A 97 8.94 -16.70 1.56
CA THR A 97 8.73 -15.56 0.63
C THR A 97 7.45 -15.33 -0.13
N PHE A 98 7.16 -14.07 -0.35
CA PHE A 98 6.03 -13.64 -1.14
C PHE A 98 6.56 -12.97 -2.38
N GLY A 99 5.83 -13.07 -3.48
CA GLY A 99 6.23 -12.36 -4.68
C GLY A 99 5.86 -10.86 -4.54
N GLY A 100 6.23 -10.05 -5.50
CA GLY A 100 5.99 -8.59 -5.42
C GLY A 100 4.56 -8.22 -5.66
N GLY A 101 3.76 -9.16 -6.10
CA GLY A 101 2.36 -8.82 -6.35
C GLY A 101 2.05 -8.39 -7.80
N THR A 102 0.85 -8.66 -8.28
CA THR A 102 0.48 -8.15 -9.57
C THR A 102 -0.89 -7.56 -9.43
N ARG A 103 -1.00 -6.28 -9.80
CA ARG A 103 -2.23 -5.49 -9.70
C ARG A 103 -3.08 -5.71 -10.96
N VAL A 104 -4.34 -6.04 -10.80
CA VAL A 104 -5.16 -6.27 -11.97
C VAL A 104 -6.19 -5.16 -11.89
N ASP A 105 -6.24 -4.28 -12.90
CA ASP A 105 -7.19 -3.17 -12.88
C ASP A 105 -8.05 -3.09 -14.18
N VAL A 106 -9.11 -2.27 -14.15
CA VAL A 106 -10.06 -2.13 -15.25
C VAL A 106 -9.37 -1.51 -16.47
N ARG A 107 -9.36 -2.21 -17.61
CA ARG A 107 -8.71 -1.65 -18.79
C ARG A 107 -9.59 -0.53 -19.37
N ARG A 108 -8.96 0.46 -19.97
CA ARG A 108 -9.69 1.57 -20.63
C ARG A 108 -8.64 2.11 -21.56
N THR A 109 -9.11 2.72 -22.16
CA THR A 109 -8.21 3.29 -23.17
C THR A 109 -7.12 4.14 -22.50
N VAL A 110 -5.82 4.42 -23.31
CA VAL A 110 -4.73 5.20 -22.79
C VAL A 110 -5.14 6.66 -22.69
N ALA A 111 -4.81 7.29 -21.57
CA ALA A 111 -5.10 8.69 -21.36
C ALA A 111 -3.91 9.33 -20.67
N ALA A 112 -3.36 10.37 -21.31
CA ALA A 112 -2.22 11.09 -20.76
C ALA A 112 -2.69 11.94 -19.60
N PRO A 113 -1.80 12.22 -18.67
CA PRO A 113 -2.23 13.05 -17.51
C PRO A 113 -2.31 14.53 -17.85
N SER A 114 -3.16 15.26 -17.19
CA SER A 114 -3.21 16.72 -17.35
C SER A 114 -2.26 17.07 -16.19
N VAL A 115 -1.20 17.81 -16.46
CA VAL A 115 -0.23 18.14 -15.44
C VAL A 115 -0.32 19.59 -15.01
N PHE A 116 -0.17 19.84 -13.70
CA PHE A 116 -0.24 21.17 -13.10
C PHE A 116 0.85 21.29 -12.02
N ILE A 117 1.48 22.46 -11.92
CA ILE A 117 2.51 22.69 -10.92
C ILE A 117 2.06 23.84 -10.04
N PHE A 118 2.17 23.67 -8.72
CA PHE A 118 1.73 24.65 -7.79
C PHE A 118 2.89 25.15 -6.98
N PRO A 119 3.12 26.48 -6.94
CA PRO A 119 4.23 27.02 -6.15
C PRO A 119 3.82 27.06 -4.70
N PRO A 120 4.78 27.20 -3.79
CA PRO A 120 4.34 27.24 -2.39
C PRO A 120 3.62 28.55 -2.06
N SER A 121 2.64 28.47 -1.17
CA SER A 121 1.91 29.65 -0.75
C SER A 121 2.81 30.58 0.11
N ASP A 122 2.55 31.87 0.00
CA ASP A 122 3.28 32.85 0.79
C ASP A 122 3.02 32.56 2.23
N GLU A 123 1.86 32.00 2.53
CA GLU A 123 1.54 31.69 3.92
C GLU A 123 2.50 30.59 4.44
N GLN A 124 2.74 29.57 3.62
CA GLN A 124 3.66 28.51 4.08
C GLN A 124 5.06 29.10 4.21
N LEU A 125 5.51 29.81 3.18
CA LEU A 125 6.85 30.42 3.21
C LEU A 125 7.16 31.18 4.53
N LYS A 126 6.18 31.91 5.07
CA LYS A 126 6.36 32.64 6.33
C LYS A 126 6.67 31.71 7.48
N SER A 127 6.30 30.44 7.36
CA SER A 127 6.60 29.49 8.42
C SER A 127 7.96 28.86 8.21
N GLY A 128 8.62 29.24 7.13
CA GLY A 128 9.95 28.71 6.85
C GLY A 128 10.07 27.46 5.97
N THR A 129 8.96 26.91 5.51
CA THR A 129 9.07 25.75 4.63
C THR A 129 8.44 26.03 3.27
N ALA A 130 8.87 25.29 2.26
CA ALA A 130 8.36 25.49 0.94
C ALA A 130 7.97 24.17 0.32
N SER A 131 6.68 24.02 0.02
CA SER A 131 6.19 22.81 -0.65
C SER A 131 5.82 23.07 -2.08
N VAL A 132 6.41 22.33 -3.02
CA VAL A 132 6.04 22.54 -4.39
C VAL A 132 5.29 21.27 -4.75
N VAL A 133 4.04 21.40 -5.21
CA VAL A 133 3.28 20.23 -5.58
C VAL A 133 3.00 20.13 -7.05
N CYS A 134 3.05 18.89 -7.53
CA CYS A 134 2.80 18.61 -8.93
C CYS A 134 1.65 17.68 -8.99
N LEU A 135 0.70 17.96 -9.88
CA LEU A 135 -0.45 17.08 -10.01
C LEU A 135 -0.52 16.49 -11.40
N LEU A 136 -0.75 15.17 -11.46
CA LEU A 136 -0.94 14.42 -12.71
C LEU A 136 -2.38 13.96 -12.54
N ASN A 137 -3.29 14.54 -13.33
CA ASN A 137 -4.71 14.24 -13.21
C ASN A 137 -5.33 13.30 -14.26
N ASN A 138 -6.14 12.35 -13.80
CA ASN A 138 -6.83 11.41 -14.69
C ASN A 138 -6.01 10.76 -15.84
N PHE A 139 -5.04 9.90 -15.52
CA PHE A 139 -4.27 9.27 -16.59
C PHE A 139 -4.47 7.73 -16.54
N TYR A 140 -3.94 7.04 -17.54
CA TYR A 140 -4.04 5.57 -17.63
C TYR A 140 -3.10 5.13 -18.75
N PRO A 141 -2.32 4.04 -18.54
CA PRO A 141 -2.25 3.22 -17.34
C PRO A 141 -1.60 3.88 -16.11
N ARG A 142 -1.63 3.17 -14.98
CA ARG A 142 -1.13 3.67 -13.74
C ARG A 142 0.33 4.11 -13.67
N GLU A 143 1.23 3.46 -14.37
CA GLU A 143 2.61 3.84 -14.27
C GLU A 143 2.90 5.25 -14.84
N ALA A 144 3.58 6.06 -14.03
CA ALA A 144 3.89 7.41 -14.43
C ALA A 144 5.18 7.71 -13.69
N LYS A 145 6.00 8.60 -14.23
CA LYS A 145 7.25 8.97 -13.58
C LYS A 145 7.36 10.50 -13.53
N VAL A 146 7.59 10.99 -12.32
CA VAL A 146 7.71 12.39 -12.03
C VAL A 146 9.12 12.66 -11.62
N GLN A 147 9.72 13.67 -12.26
CA GLN A 147 11.09 14.07 -11.94
C GLN A 147 11.16 15.57 -11.64
N TRP A 148 11.57 15.93 -10.43
CA TRP A 148 11.67 17.34 -10.08
C TRP A 148 13.03 17.87 -10.50
N LYS A 149 13.03 19.10 -11.03
CA LYS A 149 14.24 19.77 -11.41
C LYS A 149 14.16 21.21 -10.87
N VAL A 150 15.24 21.68 -10.27
CA VAL A 150 15.35 23.00 -9.72
C VAL A 150 16.57 23.64 -10.45
N ASP A 151 16.38 24.74 -11.16
CA ASP A 151 17.50 25.35 -11.89
C ASP A 151 18.30 24.22 -12.60
N ASN A 152 17.56 23.32 -13.22
CA ASN A 152 18.12 22.18 -13.93
C ASN A 152 18.79 21.09 -13.15
N ALA A 153 18.82 21.20 -11.83
CA ALA A 153 19.44 20.12 -11.05
C ALA A 153 18.35 19.11 -10.81
N LEU A 154 18.70 17.85 -11.02
CA LEU A 154 17.80 16.73 -10.82
C LEU A 154 17.58 16.57 -9.32
N GLN A 155 16.33 16.55 -8.86
CA GLN A 155 16.13 16.43 -7.41
C GLN A 155 16.01 14.97 -6.97
N SER A 156 16.45 14.68 -5.75
CA SER A 156 16.34 13.33 -5.27
C SER A 156 16.27 13.27 -3.76
N GLY A 157 15.40 12.43 -3.24
CA GLY A 157 15.30 12.25 -1.80
C GLY A 157 14.52 13.32 -1.08
N ASN A 158 13.97 14.30 -1.82
CA ASN A 158 13.22 15.38 -1.15
C ASN A 158 11.76 15.55 -1.63
N SER A 159 11.20 14.48 -2.18
CA SER A 159 9.83 14.52 -2.66
C SER A 159 9.09 13.26 -2.23
N GLN A 160 7.77 13.33 -2.21
CA GLN A 160 6.95 12.18 -1.86
C GLN A 160 5.74 12.24 -2.72
N GLU A 161 5.23 11.08 -3.12
CA GLU A 161 4.04 11.04 -3.95
C GLU A 161 3.05 9.98 -3.48
N SER A 162 1.78 10.18 -3.82
CA SER A 162 0.75 9.21 -3.54
C SER A 162 -0.20 9.19 -4.77
N VAL A 163 -0.86 8.04 -4.98
CA VAL A 163 -1.72 7.82 -6.14
C VAL A 163 -3.12 7.44 -5.66
N THR A 164 -4.16 7.98 -6.27
CA THR A 164 -5.51 7.58 -5.89
C THR A 164 -5.81 6.15 -6.34
N GLU A 165 -6.87 5.55 -5.84
CA GLU A 165 -7.27 4.23 -6.30
C GLU A 165 -7.97 4.48 -7.67
N GLN A 166 -8.02 3.44 -8.53
CA GLN A 166 -8.64 3.58 -9.85
C GLN A 166 -10.01 4.18 -9.71
N ASP A 167 -10.35 5.19 -10.51
CA ASP A 167 -11.65 5.81 -10.38
C ASP A 167 -12.76 4.86 -10.86
N SER A 168 -13.83 4.67 -10.11
CA SER A 168 -14.91 3.75 -10.51
C SER A 168 -15.71 4.15 -11.76
N LYS A 169 -15.63 5.41 -12.18
CA LYS A 169 -16.35 5.86 -13.39
C LYS A 169 -15.40 6.03 -14.59
N ASP A 170 -14.28 6.69 -14.33
CA ASP A 170 -13.20 7.00 -15.28
C ASP A 170 -12.27 5.87 -15.65
N SER A 171 -11.95 5.08 -14.63
CA SER A 171 -10.94 4.01 -14.71
C SER A 171 -9.57 4.63 -14.80
N THR A 172 -9.44 5.92 -14.49
CA THR A 172 -8.14 6.60 -14.55
C THR A 172 -7.54 6.73 -13.13
N TYR A 173 -6.29 7.15 -13.03
CA TYR A 173 -5.64 7.38 -11.74
C TYR A 173 -5.19 8.82 -11.73
N SER A 174 -4.89 9.34 -10.54
CA SER A 174 -4.35 10.68 -10.41
C SER A 174 -3.16 10.55 -9.44
N LEU A 175 -2.17 11.42 -9.59
CA LEU A 175 -0.99 11.34 -8.76
C LEU A 175 -0.54 12.74 -8.27
N SER A 176 -0.25 12.82 -6.99
CA SER A 176 0.21 14.04 -6.38
C SER A 176 1.62 13.87 -5.93
N SER A 177 2.53 14.76 -6.34
CA SER A 177 3.89 14.70 -5.84
C SER A 177 4.31 16.03 -5.17
N THR A 178 4.80 15.96 -3.93
CA THR A 178 5.25 17.12 -3.19
C THR A 178 6.80 17.22 -3.07
N LEU A 179 7.38 18.32 -3.57
CA LEU A 179 8.81 18.62 -3.41
C LEU A 179 8.87 19.54 -2.15
N THR A 180 9.69 19.19 -1.16
CA THR A 180 9.80 19.99 0.04
C THR A 180 11.21 20.56 0.28
N LEU A 181 11.31 21.86 0.52
CA LEU A 181 12.61 22.47 0.74
C LEU A 181 12.46 23.51 1.83
N SER A 182 13.56 23.85 2.49
CA SER A 182 13.47 24.93 3.46
C SER A 182 13.19 26.24 2.67
N LYS A 183 12.63 27.22 3.36
CA LYS A 183 12.36 28.49 2.72
C LYS A 183 13.70 28.99 2.18
N ALA A 184 14.76 28.87 2.99
CA ALA A 184 16.07 29.34 2.53
C ALA A 184 16.51 28.74 1.20
N ASP A 185 16.54 27.42 1.10
CA ASP A 185 16.95 26.77 -0.15
C ASP A 185 16.03 27.20 -1.26
N TYR A 186 14.75 27.26 -0.93
CA TYR A 186 13.79 27.65 -1.94
C TYR A 186 14.22 28.94 -2.57
N GLU A 187 14.56 29.90 -1.74
CA GLU A 187 14.93 31.25 -2.18
C GLU A 187 16.20 31.29 -3.00
N LYS A 188 17.03 30.26 -2.90
CA LYS A 188 18.27 30.27 -3.64
C LYS A 188 18.16 29.81 -5.09
N HIS A 189 16.95 29.61 -5.60
CA HIS A 189 16.82 29.10 -6.97
C HIS A 189 15.66 29.74 -7.68
N LYS A 190 15.58 29.59 -9.00
CA LYS A 190 14.45 30.22 -9.71
C LYS A 190 13.51 29.30 -10.47
N VAL A 191 14.03 28.39 -11.28
CA VAL A 191 13.18 27.52 -12.07
C VAL A 191 12.82 26.20 -11.40
N TYR A 192 11.56 26.06 -11.00
CA TYR A 192 11.05 24.86 -10.35
C TYR A 192 10.26 24.13 -11.41
N GLU A 193 10.68 22.91 -11.75
CA GLU A 193 10.05 22.13 -12.80
C GLU A 193 9.65 20.73 -12.40
N CYS A 194 8.50 20.30 -12.91
CA CYS A 194 7.95 18.96 -12.69
C CYS A 194 7.93 18.29 -14.08
N GLU A 195 8.81 17.32 -14.29
CA GLU A 195 8.89 16.60 -15.56
C GLU A 195 8.10 15.30 -15.50
N VAL A 196 7.22 15.05 -16.45
CA VAL A 196 6.38 13.87 -16.38
C VAL A 196 6.48 12.93 -17.56
N THR A 197 6.73 11.64 -17.29
CA THR A 197 6.81 10.65 -18.36
C THR A 197 5.64 9.72 -18.18
N HIS A 198 4.98 9.39 -19.30
CA HIS A 198 3.83 8.52 -19.26
C HIS A 198 3.58 7.97 -20.63
N GLN A 199 2.98 6.79 -20.67
CA GLN A 199 2.74 6.15 -21.93
C GLN A 199 1.91 6.98 -22.91
N GLY A 200 0.94 7.74 -22.40
CA GLY A 200 0.13 8.54 -23.28
C GLY A 200 0.77 9.84 -23.78
N LEU A 201 2.01 10.09 -23.40
CA LEU A 201 2.63 11.32 -23.81
C LEU A 201 3.72 10.97 -24.80
N SER A 202 3.61 11.56 -25.99
CA SER A 202 4.60 11.34 -27.05
C SER A 202 6.02 11.50 -26.47
N SER A 203 6.26 12.55 -25.71
CA SER A 203 7.56 12.73 -25.10
C SER A 203 7.20 13.39 -23.77
N PRO A 204 8.15 13.48 -22.84
CA PRO A 204 7.95 14.06 -21.51
C PRO A 204 7.42 15.48 -21.53
N VAL A 205 6.50 15.77 -20.63
CA VAL A 205 5.97 17.10 -20.58
C VAL A 205 6.54 17.76 -19.32
N THR A 206 6.90 19.03 -19.43
CA THR A 206 7.39 19.72 -18.27
C THR A 206 6.51 20.95 -17.94
N LYS A 207 6.14 21.09 -16.67
CA LYS A 207 5.37 22.23 -16.21
C LYS A 207 6.28 22.89 -15.21
N SER A 208 6.43 24.21 -15.32
CA SER A 208 7.28 24.93 -14.42
C SER A 208 6.92 26.37 -14.23
N PHE A 209 7.63 27.00 -13.29
CA PHE A 209 7.50 28.38 -12.96
C PHE A 209 8.83 28.95 -12.46
N ASN A 210 8.97 30.27 -12.52
CA ASN A 210 10.16 30.90 -12.00
C ASN A 210 9.72 31.51 -10.70
N ARG A 211 10.45 31.20 -9.64
CA ARG A 211 10.12 31.70 -8.32
C ARG A 211 10.18 33.23 -8.30
N GLY A 212 9.25 33.80 -7.55
CA GLY A 212 9.20 35.25 -7.41
C GLY A 212 8.81 36.04 -8.65
N GLU A 213 8.71 35.39 -9.80
CA GLU A 213 8.32 36.14 -10.97
C GLU A 213 6.91 36.65 -10.68
N CYS A 214 6.46 37.80 -10.85
CA CYS A 214 5.15 38.38 -10.54
C CYS A 214 4.60 39.28 -11.63
N ARG B 1 -15.22 -23.57 11.64
CA ARG B 1 -14.82 -22.23 11.13
C ARG B 1 -13.65 -21.63 11.95
N ILE B 2 -12.59 -21.34 11.21
CA ILE B 2 -11.41 -20.78 11.79
C ILE B 2 -11.41 -19.27 11.65
N THR B 3 -11.15 -18.58 12.73
CA THR B 3 -11.05 -17.14 12.61
C THR B 3 -9.85 -16.70 13.47
N LEU B 4 -9.16 -15.64 13.05
CA LEU B 4 -8.04 -15.07 13.80
C LEU B 4 -8.25 -13.58 13.83
N LYS B 5 -7.74 -12.95 14.89
CA LYS B 5 -7.81 -11.51 15.05
C LYS B 5 -6.60 -10.95 15.83
N GLU B 6 -5.99 -9.93 15.23
CA GLU B 6 -4.83 -9.28 15.80
C GLU B 6 -5.20 -8.14 16.76
N SER B 7 -4.43 -7.96 17.83
CA SER B 7 -4.67 -6.83 18.71
C SER B 7 -3.32 -6.30 19.22
N GLY B 8 -3.27 -5.02 19.60
CA GLY B 8 -2.05 -4.40 20.12
C GLY B 8 -2.18 -2.89 19.97
N PRO B 9 -1.13 -2.12 20.23
CA PRO B 9 -1.20 -0.67 20.11
C PRO B 9 -1.19 -0.15 18.66
N PRO B 10 -2.05 0.84 18.32
CA PRO B 10 -2.05 1.33 16.95
C PRO B 10 -0.88 2.25 16.70
N LEU B 11 -0.38 2.82 17.78
CA LEU B 11 0.72 3.75 17.67
C LEU B 11 1.86 3.37 18.56
N VAL B 12 3.07 3.46 18.03
CA VAL B 12 4.22 3.15 18.83
C VAL B 12 5.34 4.08 18.46
N LYS B 13 6.17 4.43 19.45
CA LYS B 13 7.30 5.34 19.20
C LYS B 13 8.59 4.60 18.93
N PRO B 14 9.45 5.20 18.11
CA PRO B 14 10.73 4.64 17.74
C PRO B 14 11.48 4.24 19.00
N THR B 15 12.28 3.19 18.87
CA THR B 15 13.09 2.48 19.87
C THR B 15 12.20 1.66 20.80
N GLN B 16 10.90 1.90 20.80
CA GLN B 16 10.07 1.12 21.69
C GLN B 16 9.86 -0.33 21.25
N THR B 17 9.25 -1.10 22.16
CA THR B 17 8.94 -2.48 21.93
C THR B 17 7.44 -2.65 21.61
N LEU B 18 7.19 -3.40 20.54
CA LEU B 18 5.85 -3.67 20.06
C LEU B 18 5.49 -5.11 20.30
N THR B 19 4.37 -5.31 21.00
CA THR B 19 3.84 -6.62 21.32
C THR B 19 2.46 -6.73 20.63
N LEU B 20 2.34 -7.73 19.77
CA LEU B 20 1.12 -7.98 19.02
C LEU B 20 0.60 -9.35 19.44
N THR B 21 -0.72 -9.43 19.62
CA THR B 21 -1.37 -10.65 20.00
C THR B 21 -2.36 -11.15 18.91
N CYS B 22 -2.30 -12.44 18.63
CA CYS B 22 -3.19 -13.05 17.68
C CYS B 22 -4.04 -13.96 18.50
N SER B 23 -5.35 -13.71 18.59
CA SER B 23 -6.27 -14.57 19.37
C SER B 23 -7.07 -15.31 18.30
N PHE B 24 -7.24 -16.62 18.42
CA PHE B 24 -7.95 -17.35 17.36
C PHE B 24 -8.98 -18.33 17.95
N SER B 25 -9.83 -18.88 17.08
CA SER B 25 -10.82 -19.88 17.51
C SER B 25 -11.00 -20.85 16.32
N GLY B 26 -11.53 -22.04 16.55
CA GLY B 26 -11.68 -23.03 15.48
C GLY B 26 -10.55 -24.05 15.37
N PHE B 27 -9.46 -23.86 16.11
CA PHE B 27 -8.37 -24.85 16.06
C PHE B 27 -7.58 -24.67 17.35
N SER B 28 -6.71 -25.61 17.65
CA SER B 28 -5.95 -25.46 18.86
C SER B 28 -4.48 -25.51 18.46
N LEU B 29 -3.61 -24.80 19.15
CA LEU B 29 -2.21 -24.88 18.80
C LEU B 29 -1.64 -26.13 19.41
N SER B 30 -2.51 -27.05 19.79
CA SER B 30 -2.04 -28.32 20.26
C SER B 30 -2.46 -29.33 19.15
N ASP B 31 -3.14 -28.86 18.10
CA ASP B 31 -3.53 -29.83 17.07
C ASP B 31 -2.27 -30.20 16.29
N PHE B 32 -2.24 -31.40 15.73
CA PHE B 32 -1.08 -31.88 15.02
C PHE B 32 -0.57 -31.02 13.87
N GLY B 33 0.70 -30.68 13.94
CA GLY B 33 1.40 -29.88 12.93
C GLY B 33 0.86 -28.52 12.57
N VAL B 34 -0.11 -28.01 13.33
CA VAL B 34 -0.64 -26.68 12.99
C VAL B 34 0.40 -25.55 13.22
N GLY B 35 0.30 -24.48 12.42
CA GLY B 35 1.17 -23.33 12.57
C GLY B 35 0.35 -22.04 12.58
N VAL B 36 0.95 -20.99 13.15
CA VAL B 36 0.36 -19.68 13.15
C VAL B 36 1.59 -18.79 12.77
N GLY B 37 1.44 -17.94 11.76
CA GLY B 37 2.55 -17.11 11.30
C GLY B 37 2.08 -15.67 11.33
N TRP B 38 3.02 -14.76 11.10
CA TRP B 38 2.79 -13.33 11.10
C TRP B 38 3.37 -12.81 9.79
N ILE B 39 2.62 -11.91 9.14
CA ILE B 39 3.04 -11.33 7.87
C ILE B 39 2.71 -9.82 7.97
N ARG B 40 3.49 -8.94 7.38
CA ARG B 40 3.17 -7.51 7.53
C ARG B 40 3.08 -6.89 6.14
N GLN B 41 2.50 -5.72 6.07
CA GLN B 41 2.34 -5.05 4.78
C GLN B 41 2.44 -3.53 4.96
N PRO B 42 3.58 -2.93 4.66
CA PRO B 42 3.71 -1.46 4.81
C PRO B 42 2.71 -0.82 3.81
N PRO B 43 2.17 0.37 4.13
CA PRO B 43 1.19 0.92 3.16
C PRO B 43 1.68 1.00 1.70
N GLY B 44 0.85 0.51 0.80
CA GLY B 44 1.19 0.50 -0.61
C GLY B 44 2.25 -0.52 -1.01
N LYS B 45 2.83 -1.26 -0.05
CA LYS B 45 3.85 -2.24 -0.42
C LYS B 45 3.36 -3.72 -0.48
N ALA B 46 4.29 -4.63 -0.75
CA ALA B 46 4.07 -6.07 -0.86
C ALA B 46 4.00 -6.73 0.52
N LEU B 47 3.56 -7.97 0.56
CA LEU B 47 3.49 -8.71 1.82
C LEU B 47 4.89 -9.11 2.20
N GLU B 48 5.17 -9.11 3.50
CA GLU B 48 6.48 -9.52 3.96
C GLU B 48 6.34 -10.54 5.14
N TRP B 49 6.92 -11.71 4.95
CA TRP B 49 6.83 -12.77 5.93
C TRP B 49 7.69 -12.44 7.15
N LEU B 50 7.15 -12.65 8.36
CA LEU B 50 7.90 -12.34 9.59
C LEU B 50 8.35 -13.53 10.45
N ALA B 51 7.43 -14.46 10.69
CA ALA B 51 7.75 -15.57 11.55
C ALA B 51 6.60 -16.57 11.61
N ILE B 52 6.88 -17.73 12.18
CA ILE B 52 5.79 -18.68 12.33
C ILE B 52 6.12 -19.56 13.50
N ILE B 53 5.09 -20.09 14.15
CA ILE B 53 5.31 -21.02 15.27
C ILE B 53 4.35 -22.20 15.10
N TYR B 54 4.83 -23.40 15.40
CA TYR B 54 3.99 -24.62 15.26
C TYR B 54 3.59 -25.15 16.62
N SER B 55 2.57 -26.02 16.63
CA SER B 55 2.10 -26.61 17.86
C SER B 55 3.18 -27.45 18.61
N ASP B 56 4.17 -28.02 17.92
CA ASP B 56 5.23 -28.74 18.63
C ASP B 56 6.29 -27.73 19.13
N ASP B 57 5.98 -26.44 19.00
CA ASP B 57 6.78 -25.34 19.45
C ASP B 57 8.08 -24.97 18.70
N ASP B 58 8.23 -25.43 17.45
CA ASP B 58 9.39 -25.08 16.61
C ASP B 58 9.05 -23.62 16.22
N LYS B 59 10.06 -22.76 16.14
CA LYS B 59 9.87 -21.34 15.80
C LYS B 59 10.81 -20.98 14.67
N ARG B 60 10.41 -20.09 13.75
CA ARG B 60 11.29 -19.68 12.67
C ARG B 60 11.03 -18.18 12.42
N TYR B 61 12.08 -17.47 12.06
CA TYR B 61 12.00 -16.04 11.87
C TYR B 61 12.63 -15.59 10.59
N SER B 62 12.11 -14.49 10.10
CA SER B 62 12.68 -13.82 8.97
C SER B 62 14.16 -13.53 9.35
N PRO B 63 15.12 -13.87 8.48
CA PRO B 63 16.53 -13.59 8.82
C PRO B 63 16.82 -12.08 8.96
N SER B 64 16.21 -11.27 8.15
CA SER B 64 16.37 -9.82 8.24
C SER B 64 15.86 -9.21 9.56
N LEU B 65 14.95 -9.88 10.27
CA LEU B 65 14.40 -9.29 11.51
C LEU B 65 14.66 -10.16 12.74
N ASN B 66 15.35 -11.26 12.51
CA ASN B 66 15.62 -12.21 13.56
C ASN B 66 15.97 -11.61 14.91
N THR B 67 16.95 -10.71 14.95
CA THR B 67 17.34 -10.11 16.22
C THR B 67 16.27 -9.30 16.95
N ARG B 68 15.25 -8.81 16.24
CA ARG B 68 14.25 -7.99 16.91
C ARG B 68 12.92 -8.76 17.19
N LEU B 69 12.78 -9.99 16.69
CA LEU B 69 11.53 -10.72 16.89
C LEU B 69 11.56 -11.87 17.87
N THR B 70 10.46 -12.00 18.61
CA THR B 70 10.28 -13.14 19.48
C THR B 70 8.84 -13.62 19.23
N ILE B 71 8.62 -14.91 18.94
CA ILE B 71 7.25 -15.32 18.77
C ILE B 71 7.02 -16.38 19.84
N THR B 72 5.84 -16.39 20.43
CA THR B 72 5.58 -17.35 21.48
C THR B 72 4.13 -17.78 21.46
N LYS B 73 3.78 -18.90 22.07
CA LYS B 73 2.38 -19.23 22.05
C LYS B 73 1.81 -19.46 23.42
N ASP B 74 0.50 -19.28 23.56
CA ASP B 74 -0.13 -19.59 24.84
C ASP B 74 -1.32 -20.47 24.44
N THR B 75 -1.05 -21.76 24.41
CA THR B 75 -1.96 -22.78 23.97
C THR B 75 -3.28 -22.78 24.65
N SER B 76 -3.25 -22.61 25.98
CA SER B 76 -4.48 -22.63 26.75
C SER B 76 -5.31 -21.38 26.53
N LYS B 77 -4.71 -20.26 26.10
CA LYS B 77 -5.50 -19.06 25.82
C LYS B 77 -5.81 -18.90 24.32
N ASN B 78 -5.33 -19.86 23.50
CA ASN B 78 -5.49 -19.76 22.05
C ASN B 78 -4.93 -18.44 21.54
N GLN B 79 -3.71 -18.14 21.91
CA GLN B 79 -3.10 -16.91 21.43
C GLN B 79 -1.65 -17.16 21.05
N VAL B 80 -1.19 -16.32 20.12
CA VAL B 80 0.20 -16.34 19.66
C VAL B 80 0.61 -14.91 19.75
N VAL B 81 1.77 -14.69 20.36
CA VAL B 81 2.27 -13.34 20.56
C VAL B 81 3.57 -13.15 19.79
N LEU B 82 3.71 -12.00 19.16
CA LEU B 82 4.89 -11.64 18.44
C LEU B 82 5.36 -10.32 19.07
N VAL B 83 6.61 -10.33 19.53
CA VAL B 83 7.22 -9.18 20.14
C VAL B 83 8.34 -8.66 19.25
N MET B 84 8.24 -7.39 18.85
CA MET B 84 9.26 -6.78 18.01
C MET B 84 9.91 -5.65 18.83
N THR B 85 11.22 -5.69 18.97
CA THR B 85 11.91 -4.69 19.76
C THR B 85 12.48 -3.63 18.88
N ARG B 86 12.86 -2.52 19.51
CA ARG B 86 13.53 -1.43 18.81
C ARG B 86 12.89 -1.05 17.47
N VAL B 87 11.60 -0.75 17.50
CA VAL B 87 10.98 -0.39 16.24
C VAL B 87 11.43 0.95 15.75
N SER B 88 11.31 1.13 14.44
CA SER B 88 11.64 2.39 13.84
C SER B 88 10.49 2.72 12.85
N PRO B 89 10.46 3.92 12.26
CA PRO B 89 9.38 4.26 11.31
C PRO B 89 9.10 3.25 10.19
N VAL B 90 10.14 2.63 9.63
CA VAL B 90 9.93 1.65 8.55
C VAL B 90 9.12 0.43 9.00
N ASP B 91 8.92 0.27 10.30
CA ASP B 91 8.11 -0.83 10.78
C ASP B 91 6.61 -0.45 10.72
N THR B 92 6.25 0.75 10.21
CA THR B 92 4.83 1.02 10.17
C THR B 92 4.24 0.14 9.06
N ALA B 93 3.20 -0.59 9.40
CA ALA B 93 2.62 -1.53 8.46
C ALA B 93 1.35 -2.09 9.04
N THR B 94 0.60 -2.79 8.20
CA THR B 94 -0.54 -3.53 8.71
C THR B 94 0.07 -4.95 8.99
N TYR B 95 -0.16 -5.46 10.19
CA TYR B 95 0.36 -6.76 10.64
C TYR B 95 -0.76 -7.79 10.66
N PHE B 96 -0.58 -8.93 9.98
CA PHE B 96 -1.58 -10.00 9.95
C PHE B 96 -1.03 -11.29 10.58
N CYS B 97 -1.87 -12.04 11.29
CA CYS B 97 -1.45 -13.37 11.75
C CYS B 97 -2.26 -14.33 10.86
N ALA B 98 -1.81 -15.55 10.71
CA ALA B 98 -2.51 -16.46 9.82
C ALA B 98 -2.27 -17.93 10.25
N HIS B 99 -3.25 -18.76 9.91
CA HIS B 99 -3.25 -20.16 10.18
C HIS B 99 -2.59 -20.91 9.05
N ARG B 100 -1.86 -21.95 9.44
CA ARG B 100 -1.23 -22.85 8.52
C ARG B 100 -1.67 -24.27 8.93
N ARG B 101 -2.27 -24.99 8.01
CA ARG B 101 -2.71 -26.34 8.28
C ARG B 101 -1.54 -27.27 8.52
N GLY B 102 -1.79 -28.33 9.27
CA GLY B 102 -0.78 -29.37 9.47
C GLY B 102 -1.12 -30.50 8.47
N PRO B 103 -0.31 -31.55 8.26
CA PRO B 103 -0.68 -32.59 7.29
C PRO B 103 -2.01 -33.28 7.60
N THR B 104 -2.70 -33.70 6.56
CA THR B 104 -3.92 -34.44 6.80
C THR B 104 -3.52 -35.80 7.39
N THR B 105 -4.33 -36.30 8.32
CA THR B 105 -4.09 -37.59 8.94
C THR B 105 -5.28 -38.56 8.71
N LEU B 106 -4.98 -39.85 8.72
CA LEU B 106 -6.03 -40.85 8.54
C LEU B 106 -5.75 -41.78 9.69
N PHE B 107 -6.73 -41.89 10.58
CA PHE B 107 -6.61 -42.70 11.79
C PHE B 107 -5.27 -42.28 12.42
N GLY B 108 -5.10 -40.96 12.58
CA GLY B 108 -3.90 -40.44 13.19
C GLY B 108 -2.62 -40.88 12.51
N VAL B 109 -2.65 -40.89 11.19
CA VAL B 109 -1.45 -41.22 10.44
C VAL B 109 -1.35 -40.15 9.35
N PRO B 110 -0.24 -39.43 9.31
CA PRO B 110 -0.04 -38.38 8.30
C PRO B 110 0.01 -39.04 6.92
N ILE B 111 -0.86 -38.57 6.02
CA ILE B 111 -0.94 -39.13 4.67
C ILE B 111 -0.87 -38.09 3.56
N ALA B 112 -1.10 -36.82 3.89
CA ALA B 112 -1.01 -35.75 2.89
C ALA B 112 -0.36 -34.49 3.41
N ARG B 113 0.74 -34.08 2.79
CA ARG B 113 1.38 -32.84 3.22
C ARG B 113 1.03 -31.63 2.33
N GLY B 114 0.38 -31.88 1.19
CA GLY B 114 0.00 -30.78 0.32
C GLY B 114 -0.77 -29.68 1.08
N PRO B 115 -1.67 -30.01 2.03
CA PRO B 115 -2.37 -28.89 2.68
C PRO B 115 -1.52 -27.92 3.51
N VAL B 116 -0.27 -28.24 3.82
CA VAL B 116 0.53 -27.29 4.57
C VAL B 116 1.10 -26.24 3.68
N ASN B 117 0.97 -26.41 2.36
CA ASN B 117 1.58 -25.41 1.51
C ASN B 117 0.73 -24.16 1.16
N ALA B 118 0.45 -23.39 2.20
CA ALA B 118 -0.32 -22.13 2.10
C ALA B 118 -0.61 -21.66 3.53
N MET B 119 -0.96 -20.37 3.69
CA MET B 119 -1.44 -19.89 4.98
C MET B 119 -2.91 -19.73 4.54
N ASP B 120 -3.77 -20.63 5.04
CA ASP B 120 -5.19 -20.69 4.59
C ASP B 120 -6.26 -19.76 5.14
N VAL B 121 -6.05 -19.24 6.36
CA VAL B 121 -7.00 -18.30 6.95
C VAL B 121 -6.21 -17.18 7.60
N TRP B 122 -6.65 -15.96 7.31
CA TRP B 122 -5.99 -14.76 7.79
C TRP B 122 -6.82 -13.90 8.72
N GLY B 123 -6.18 -13.13 9.58
CA GLY B 123 -6.93 -12.23 10.43
C GLY B 123 -7.14 -10.95 9.59
N GLN B 124 -8.05 -10.09 10.03
CA GLN B 124 -8.30 -8.82 9.31
C GLN B 124 -7.03 -7.93 9.22
N GLY B 125 -6.12 -8.02 10.17
CA GLY B 125 -4.91 -7.20 10.11
C GLY B 125 -5.03 -6.04 11.07
N ILE B 126 -3.92 -5.64 11.68
CA ILE B 126 -3.96 -4.51 12.57
C ILE B 126 -2.92 -3.49 12.09
N THR B 127 -3.37 -2.27 11.94
CA THR B 127 -2.53 -1.17 11.47
C THR B 127 -1.69 -0.58 12.58
N VAL B 128 -0.39 -0.57 12.41
CA VAL B 128 0.51 -0.01 13.41
C VAL B 128 1.37 1.11 12.78
N THR B 129 1.35 2.25 13.46
CA THR B 129 2.12 3.41 13.00
C THR B 129 3.26 3.69 13.97
N ILE B 130 4.46 3.82 13.44
CA ILE B 130 5.60 4.12 14.30
C ILE B 130 6.05 5.55 14.06
N SER B 131 5.84 6.39 15.07
CA SER B 131 6.20 7.79 15.00
C SER B 131 6.40 8.35 16.42
N SER B 132 7.34 9.27 16.55
CA SER B 132 7.57 9.87 17.86
C SER B 132 6.63 11.05 18.03
N THR B 133 5.78 11.29 17.13
CA THR B 133 4.90 12.45 17.21
C THR B 133 3.78 12.46 18.25
N SER B 134 3.58 13.71 18.59
CA SER B 134 2.45 13.90 19.50
C SER B 134 1.27 14.36 18.61
N THR B 135 0.06 14.21 19.11
CA THR B 135 -1.09 14.68 18.38
C THR B 135 -0.85 16.13 17.91
N LYS B 136 -1.21 16.43 16.66
CA LYS B 136 -1.03 17.77 16.12
C LYS B 136 -1.92 18.10 14.91
N GLY B 137 -2.54 19.28 14.94
CA GLY B 137 -3.41 19.68 13.84
C GLY B 137 -2.64 20.16 12.61
N PRO B 138 -3.22 20.00 11.40
CA PRO B 138 -2.61 20.41 10.13
C PRO B 138 -2.60 21.92 9.88
N SER B 139 -1.64 22.34 9.06
CA SER B 139 -1.59 23.71 8.58
C SER B 139 -2.23 23.53 7.22
N VAL B 140 -3.10 24.44 6.81
CA VAL B 140 -3.71 24.25 5.50
C VAL B 140 -3.29 25.33 4.56
N PHE B 141 -2.72 24.97 3.42
CA PHE B 141 -2.28 25.98 2.49
C PHE B 141 -2.97 25.84 1.17
N PRO B 142 -3.10 26.95 0.42
CA PRO B 142 -3.80 26.91 -0.89
C PRO B 142 -2.93 26.36 -1.98
N LEU B 143 -3.54 25.70 -2.95
CA LEU B 143 -2.85 25.19 -4.13
C LEU B 143 -3.61 25.93 -5.24
N ALA B 144 -2.98 26.92 -5.84
CA ALA B 144 -3.66 27.68 -6.91
C ALA B 144 -2.90 27.68 -8.22
N PRO B 145 -3.67 27.62 -9.32
CA PRO B 145 -3.21 27.60 -10.74
C PRO B 145 -2.16 28.72 -11.13
N GLY B 152 -10.70 19.45 -21.73
CA GLY B 152 -9.24 19.38 -21.74
C GLY B 152 -8.58 20.61 -21.11
N ALA B 153 -9.23 21.76 -21.32
CA ALA B 153 -8.86 23.10 -20.81
C ALA B 153 -9.46 23.23 -19.40
N ALA B 154 -9.07 22.26 -18.59
CA ALA B 154 -9.48 22.15 -17.21
C ALA B 154 -8.47 22.95 -16.41
N ALA B 155 -8.90 23.48 -15.28
CA ALA B 155 -8.03 24.23 -14.38
C ALA B 155 -8.01 23.41 -13.08
N ALA B 156 -6.94 23.53 -12.29
CA ALA B 156 -6.87 22.77 -11.05
C ALA B 156 -6.54 23.60 -9.83
N LEU B 157 -7.11 23.24 -8.71
CA LEU B 157 -6.72 23.95 -7.50
C LEU B 157 -6.90 23.00 -6.33
N GLY B 158 -6.43 23.38 -5.17
CA GLY B 158 -6.59 22.48 -4.05
C GLY B 158 -6.11 23.05 -2.75
N CYS B 159 -5.92 22.14 -1.80
CA CYS B 159 -5.45 22.48 -0.46
C CYS B 159 -4.41 21.40 -0.08
N LEU B 160 -3.37 21.85 0.60
CA LEU B 160 -2.23 21.03 1.03
C LEU B 160 -2.43 21.01 2.51
N VAL B 161 -2.77 19.83 3.03
CA VAL B 161 -3.04 19.64 4.43
C VAL B 161 -1.74 19.13 5.04
N LYS B 162 -0.96 20.02 5.61
CA LYS B 162 0.37 19.69 6.08
C LYS B 162 0.70 19.55 7.55
N ASP B 163 1.53 18.56 7.87
CA ASP B 163 2.02 18.35 9.23
C ASP B 163 1.05 18.05 10.34
N TYR B 164 0.31 16.97 10.18
CA TYR B 164 -0.63 16.65 11.21
C TYR B 164 -0.37 15.21 11.68
N PHE B 165 -0.92 14.87 12.85
CA PHE B 165 -0.79 13.54 13.43
C PHE B 165 -1.83 13.34 14.51
N PRO B 166 -2.43 12.14 14.58
CA PRO B 166 -2.18 11.00 13.68
C PRO B 166 -3.23 11.05 12.58
N GLU B 167 -3.34 9.97 11.79
CA GLU B 167 -4.42 9.89 10.80
C GLU B 167 -5.70 9.70 11.64
N PRO B 168 -6.87 10.00 11.07
CA PRO B 168 -7.09 10.49 9.72
C PRO B 168 -7.48 11.94 9.73
N VAL B 169 -7.65 12.48 8.54
CA VAL B 169 -8.18 13.83 8.42
C VAL B 169 -9.29 13.72 7.35
N THR B 170 -10.33 14.57 7.42
CA THR B 170 -11.35 14.53 6.39
C THR B 170 -11.34 15.86 5.62
N VAL B 171 -11.52 15.78 4.31
CA VAL B 171 -11.56 16.96 3.48
C VAL B 171 -12.75 16.88 2.55
N SER B 172 -13.49 17.98 2.42
CA SER B 172 -14.57 18.02 1.47
C SER B 172 -14.41 19.39 0.78
N TRP B 173 -15.15 19.61 -0.31
CA TRP B 173 -15.15 20.87 -1.02
C TRP B 173 -16.57 21.48 -0.96
N ASN B 174 -16.63 22.80 -0.78
CA ASN B 174 -17.88 23.56 -0.67
C ASN B 174 -18.87 22.86 0.21
N SER B 175 -18.45 22.62 1.45
CA SER B 175 -19.27 21.99 2.47
C SER B 175 -19.94 20.69 2.02
N GLY B 176 -19.35 20.03 1.03
CA GLY B 176 -19.92 18.79 0.55
C GLY B 176 -20.64 18.87 -0.77
N ALA B 177 -20.82 20.06 -1.31
CA ALA B 177 -21.53 20.25 -2.57
C ALA B 177 -20.68 20.04 -3.80
N LEU B 178 -19.37 20.11 -3.63
CA LEU B 178 -18.50 19.91 -4.76
C LEU B 178 -17.90 18.52 -4.62
N THR B 179 -18.20 17.67 -5.60
CA THR B 179 -17.71 16.29 -5.63
C THR B 179 -17.11 15.91 -6.98
N SER B 180 -17.68 16.39 -8.08
CA SER B 180 -17.11 15.95 -9.34
C SER B 180 -15.75 16.60 -9.55
N GLY B 181 -14.76 15.79 -9.95
CA GLY B 181 -13.43 16.31 -10.20
C GLY B 181 -12.58 16.45 -8.93
N VAL B 182 -13.07 15.96 -7.81
CA VAL B 182 -12.33 16.04 -6.57
C VAL B 182 -11.44 14.81 -6.39
N HIS B 183 -10.18 15.01 -6.03
CA HIS B 183 -9.29 13.90 -5.73
C HIS B 183 -8.56 14.22 -4.44
N THR B 184 -8.84 13.43 -3.42
CA THR B 184 -8.17 13.61 -2.14
C THR B 184 -7.17 12.43 -2.07
N PHE B 185 -5.89 12.72 -2.12
CA PHE B 185 -4.87 11.68 -2.08
C PHE B 185 -4.58 11.10 -0.72
N PRO B 186 -4.08 9.86 -0.70
CA PRO B 186 -3.75 9.25 0.61
C PRO B 186 -2.54 10.05 1.11
N ALA B 187 -2.51 10.24 2.41
CA ALA B 187 -1.45 10.98 3.10
C ALA B 187 -0.15 10.18 3.05
N VAL B 188 0.96 10.89 3.12
CA VAL B 188 2.27 10.27 3.17
C VAL B 188 2.79 10.62 4.58
N LEU B 189 3.55 9.71 5.18
CA LEU B 189 4.10 9.89 6.52
C LEU B 189 5.47 10.47 6.20
N GLN B 190 5.71 11.74 6.57
CA GLN B 190 6.98 12.38 6.30
C GLN B 190 8.07 11.90 7.25
N SER B 191 9.32 12.14 6.89
CA SER B 191 10.41 11.69 7.74
C SER B 191 10.32 12.35 9.09
N SER B 192 9.61 13.49 9.17
CA SER B 192 9.44 14.17 10.45
C SER B 192 8.51 13.37 11.38
N GLY B 193 7.71 12.46 10.83
CA GLY B 193 6.77 11.68 11.67
C GLY B 193 5.33 12.26 11.64
N LEU B 194 5.15 13.24 10.77
CA LEU B 194 3.86 13.89 10.63
C LEU B 194 3.32 13.57 9.24
N TYR B 195 2.02 13.54 9.10
CA TYR B 195 1.48 13.21 7.81
C TYR B 195 1.28 14.47 6.96
N SER B 196 1.07 14.27 5.67
CA SER B 196 0.77 15.38 4.80
C SER B 196 0.01 14.84 3.62
N LEU B 197 -0.99 15.60 3.19
CA LEU B 197 -1.81 15.23 2.06
C LEU B 197 -2.32 16.40 1.24
N SER B 198 -2.64 16.13 0.01
CA SER B 198 -3.20 17.17 -0.84
C SER B 198 -4.58 16.69 -1.21
N SER B 199 -5.45 17.63 -1.53
CA SER B 199 -6.79 17.38 -2.00
C SER B 199 -6.95 18.37 -3.14
N VAL B 200 -7.26 17.93 -4.35
CA VAL B 200 -7.37 18.90 -5.42
C VAL B 200 -8.73 18.74 -6.10
N VAL B 201 -9.06 19.69 -6.96
CA VAL B 201 -10.28 19.60 -7.73
C VAL B 201 -10.06 20.27 -9.08
N THR B 202 -10.56 19.63 -10.12
CA THR B 202 -10.44 20.10 -11.51
C THR B 202 -11.82 20.63 -11.94
N VAL B 203 -11.83 21.78 -12.60
CA VAL B 203 -13.08 22.39 -13.05
C VAL B 203 -12.89 23.00 -14.41
N PRO B 204 -14.01 23.27 -15.16
CA PRO B 204 -13.90 23.89 -16.49
C PRO B 204 -13.18 25.22 -16.28
N SER B 205 -12.15 25.47 -17.08
CA SER B 205 -11.36 26.71 -16.92
C SER B 205 -12.17 28.00 -16.85
N SER B 206 -13.48 27.87 -16.92
CA SER B 206 -14.37 29.00 -16.86
C SER B 206 -14.96 29.18 -15.45
N SER B 207 -15.23 28.07 -14.76
CA SER B 207 -15.85 28.14 -13.45
C SER B 207 -15.11 29.05 -12.49
N LEU B 208 -13.82 29.22 -12.73
CA LEU B 208 -13.01 30.08 -11.87
C LEU B 208 -13.62 31.46 -11.66
N GLN B 211 -18.05 30.93 -9.92
CA GLN B 211 -18.04 29.91 -8.84
C GLN B 211 -16.89 29.96 -7.76
N THR B 212 -17.18 29.77 -6.47
CA THR B 212 -16.07 29.79 -5.46
C THR B 212 -15.71 28.39 -4.94
N TYR B 213 -14.45 28.24 -4.50
CA TYR B 213 -13.94 26.93 -4.03
C TYR B 213 -13.33 26.99 -2.63
N THR B 214 -13.94 26.26 -1.70
CA THR B 214 -13.41 26.27 -0.38
C THR B 214 -13.23 24.81 0.13
N CYS B 215 -12.04 24.46 0.64
CA CYS B 215 -11.86 23.09 1.13
C CYS B 215 -12.19 23.12 2.60
N ASN B 216 -12.93 22.12 3.10
CA ASN B 216 -13.28 22.03 4.53
C ASN B 216 -12.45 20.88 5.05
N VAL B 217 -11.53 21.20 5.95
CA VAL B 217 -10.58 20.24 6.52
C VAL B 217 -10.90 19.98 7.96
N ASN B 218 -10.87 18.74 8.38
CA ASN B 218 -11.20 18.45 9.79
C ASN B 218 -10.32 17.33 10.32
N HIS B 219 -9.52 17.62 11.34
CA HIS B 219 -8.66 16.62 11.96
C HIS B 219 -9.23 16.37 13.37
N LYS B 220 -10.14 15.39 13.50
CA LYS B 220 -10.78 15.12 14.79
C LYS B 220 -9.82 14.98 15.95
N PRO B 221 -8.76 14.17 15.80
CA PRO B 221 -7.77 13.98 16.85
C PRO B 221 -7.32 15.20 17.60
N SER B 222 -7.11 16.32 16.88
CA SER B 222 -6.64 17.56 17.52
C SER B 222 -7.70 18.66 17.63
N ASN B 223 -8.94 18.36 17.28
CA ASN B 223 -10.01 19.35 17.30
C ASN B 223 -9.59 20.52 16.46
N THR B 224 -9.31 20.27 15.17
CA THR B 224 -8.89 21.34 14.28
C THR B 224 -9.74 21.38 13.04
N LYS B 225 -10.66 22.34 12.92
CA LYS B 225 -11.46 22.45 11.69
C LYS B 225 -10.99 23.72 10.99
N VAL B 226 -10.88 23.67 9.66
CA VAL B 226 -10.42 24.80 8.92
C VAL B 226 -11.19 24.83 7.61
N ASP B 227 -11.61 26.02 7.17
CA ASP B 227 -12.25 26.13 5.86
C ASP B 227 -11.30 27.09 5.18
N LYS B 228 -10.80 26.72 4.00
CA LYS B 228 -9.89 27.59 3.27
C LYS B 228 -10.38 27.80 1.87
N ARG B 229 -10.74 29.04 1.55
CA ARG B 229 -11.22 29.39 0.24
C ARG B 229 -9.97 29.60 -0.61
N VAL B 230 -9.96 29.01 -1.78
CA VAL B 230 -8.82 29.06 -2.66
C VAL B 230 -9.19 29.76 -3.97
N GLU B 231 -8.42 30.71 -4.40
CA GLU B 231 -8.77 31.31 -5.69
C GLU B 231 -7.55 31.52 -6.56
N PRO B 232 -7.78 31.86 -7.84
CA PRO B 232 -6.70 32.12 -8.80
C PRO B 232 -5.84 33.36 -8.55
N LYS B 233 -5.10 33.36 -7.43
CA LYS B 233 -4.21 34.47 -6.97
C LYS B 233 -4.30 35.85 -7.68
N SER B 234 -3.16 36.50 -7.94
CA SER B 234 -3.11 37.81 -8.62
C SER B 234 -4.11 38.87 -8.08
N CYS B 235 -4.30 38.97 -6.73
CA CYS B 235 -5.21 39.91 -5.96
C CYS B 235 -6.76 39.65 -6.11
N GLU C 1 17.04 -22.41 5.27
CA GLU C 1 16.95 -23.88 5.37
C GLU C 1 15.60 -24.36 4.84
N LEU C 2 15.41 -25.68 4.77
CA LEU C 2 14.16 -26.26 4.27
C LEU C 2 12.95 -26.13 5.21
N ASP C 3 11.77 -26.00 4.60
CA ASP C 3 10.52 -25.85 5.39
C ASP C 3 10.33 -27.06 6.33
N LYS C 4 9.47 -26.90 7.34
CA LYS C 4 9.17 -27.98 8.30
C LYS C 4 8.73 -29.27 7.57
N TRP C 5 7.94 -29.12 6.50
CA TRP C 5 7.41 -30.29 5.83
C TRP C 5 8.11 -30.74 4.52
N ALA C 6 9.29 -30.18 4.21
CA ALA C 6 10.03 -30.53 3.00
C ALA C 6 10.68 -31.87 3.20
N ASN C 7 10.92 -32.59 2.11
CA ASN C 7 11.60 -33.88 2.22
C ASN C 7 13.09 -33.69 2.42
#